data_5JAA
#
_entry.id   5JAA
#
_cell.length_a   129.000
_cell.length_b   119.800
_cell.length_c   33.400
_cell.angle_alpha   90.000
_cell.angle_beta   90.000
_cell.angle_gamma   90.000
#
_symmetry.space_group_name_H-M   'P 21 21 2'
#
loop_
_entity.id
_entity.type
_entity.pdbx_description
1 polymer 'Antitoxin igA-2'
2 polymer 'Toxin HigB-2'
#
loop_
_entity_poly.entity_id
_entity_poly.type
_entity_poly.pdbx_seq_one_letter_code
_entity_poly.pdbx_strand_id
1 'polypeptide(L)'
;SNRDLFAELSSALVEAKQHSEGKLTLKTHHVNDVGELNISPDEIVSIREQFN(MSE)SRGVFARLLHTSSRTLENWEQGR
SVPNGQAVTLLKLVQRHPETLSHIAEL
;
A,B
2 'polypeptide(L)'
;H(MSE)KSVFVESTIFEKYRDEYLSDEEYRLFQAEL(MSE)LNPKLGDVIQGTGGLRKIRVASKGKGKRGGSRIIYYFLD
EKRRFYLLTIYGKNE(MSE)SDLNANQRKQL(MSE)AF(MSE)EAWRNEQS
;
C,D
#
# COMPACT_ATOMS: atom_id res chain seq x y z
N ASN A 2 6.01 -32.03 35.84
CA ASN A 2 4.68 -31.51 36.10
C ASN A 2 3.79 -31.56 34.86
N ARG A 3 4.41 -31.78 33.70
CA ARG A 3 3.66 -31.88 32.45
C ARG A 3 4.19 -33.00 31.56
N ASP A 4 3.30 -33.91 31.17
CA ASP A 4 3.69 -35.11 30.42
C ASP A 4 3.14 -35.13 28.99
N LEU A 5 4.00 -35.46 28.02
CA LEU A 5 3.63 -35.40 26.61
C LEU A 5 2.56 -36.42 26.18
N PHE A 6 2.83 -37.69 26.45
CA PHE A 6 1.92 -38.76 26.04
C PHE A 6 0.50 -38.55 26.54
N ALA A 7 0.37 -38.17 27.81
CA ALA A 7 -0.94 -37.87 28.39
C ALA A 7 -1.66 -36.78 27.58
N GLU A 8 -0.92 -35.74 27.23
CA GLU A 8 -1.48 -34.61 26.50
C GLU A 8 -1.94 -35.03 25.11
N LEU A 9 -1.08 -35.73 24.38
CA LEU A 9 -1.41 -36.19 23.05
C LEU A 9 -2.62 -37.12 23.08
N SER A 10 -2.69 -37.97 24.09
CA SER A 10 -3.80 -38.90 24.25
C SER A 10 -5.11 -38.15 24.46
N SER A 11 -5.10 -37.26 25.45
CA SER A 11 -6.28 -36.45 25.76
C SER A 11 -6.73 -35.65 24.55
N ALA A 12 -5.77 -35.08 23.83
CA ALA A 12 -6.06 -34.24 22.69
C ALA A 12 -6.59 -35.04 21.51
N LEU A 13 -6.15 -36.29 21.40
CA LEU A 13 -6.59 -37.14 20.29
C LEU A 13 -7.96 -37.75 20.55
N VAL A 14 -8.29 -38.07 21.79
CA VAL A 14 -9.64 -38.53 22.09
C VAL A 14 -10.59 -37.34 21.97
N GLU A 15 -10.12 -36.17 22.41
CA GLU A 15 -10.86 -34.92 22.20
C GLU A 15 -11.16 -34.71 20.72
N ALA A 16 -10.11 -34.83 19.89
CA ALA A 16 -10.22 -34.62 18.46
C ALA A 16 -11.20 -35.60 17.85
N LYS A 17 -11.08 -36.86 18.25
CA LYS A 17 -12.01 -37.89 17.80
C LYS A 17 -13.44 -37.47 18.11
N GLN A 18 -13.68 -37.05 19.35
CA GLN A 18 -15.01 -36.64 19.77
C GLN A 18 -15.54 -35.43 19.01
N HIS A 19 -14.66 -34.51 18.65
CA HIS A 19 -15.06 -33.34 17.89
C HIS A 19 -15.43 -33.71 16.46
N SER A 20 -14.71 -34.69 15.89
CA SER A 20 -15.02 -35.17 14.55
C SER A 20 -16.37 -35.88 14.51
N GLU A 21 -16.72 -36.55 15.61
CA GLU A 21 -18.00 -37.23 15.75
C GLU A 21 -19.15 -36.24 15.88
N GLY A 22 -18.80 -34.97 16.12
CA GLY A 22 -19.78 -33.93 16.36
C GLY A 22 -20.27 -33.95 17.80
N LYS A 23 -19.60 -34.73 18.64
CA LYS A 23 -20.00 -34.91 20.02
C LYS A 23 -19.29 -33.92 20.96
N LEU A 24 -18.51 -33.01 20.40
CA LEU A 24 -17.77 -32.05 21.20
C LEU A 24 -17.56 -30.74 20.45
N THR A 25 -17.43 -29.64 21.21
CA THR A 25 -17.13 -28.33 20.64
C THR A 25 -15.75 -27.86 21.10
N LEU A 26 -14.91 -27.47 20.14
CA LEU A 26 -13.57 -26.97 20.44
C LEU A 26 -13.35 -25.61 19.80
N LYS A 27 -12.50 -24.78 20.40
CA LYS A 27 -12.23 -23.46 19.86
C LYS A 27 -11.64 -23.57 18.47
N THR A 28 -12.29 -22.92 17.51
CA THR A 28 -12.02 -23.18 16.11
C THR A 28 -11.78 -21.91 15.32
N HIS A 29 -10.73 -21.93 14.50
CA HIS A 29 -10.39 -20.80 13.65
C HIS A 29 -10.59 -21.16 12.18
N HIS A 30 -11.58 -20.53 11.56
CA HIS A 30 -11.80 -20.70 10.13
C HIS A 30 -10.97 -19.68 9.37
N VAL A 31 -10.13 -20.15 8.45
CA VAL A 31 -9.26 -19.27 7.69
C VAL A 31 -9.27 -19.61 6.20
N ASN A 32 -9.63 -18.63 5.39
CA ASN A 32 -9.53 -18.76 3.93
C ASN A 32 -8.68 -17.63 3.35
N ASP A 33 -7.79 -17.99 2.43
CA ASP A 33 -6.87 -17.02 1.84
C ASP A 33 -7.43 -16.44 0.56
N VAL A 34 -7.16 -15.16 0.30
CA VAL A 34 -7.56 -14.57 -0.96
C VAL A 34 -6.73 -15.18 -2.07
N GLY A 35 -7.41 -15.79 -3.04
CA GLY A 35 -6.73 -16.42 -4.16
C GLY A 35 -6.19 -15.35 -5.08
N GLU A 36 -7.06 -14.40 -5.40
CA GLU A 36 -6.66 -13.23 -6.17
C GLU A 36 -7.57 -12.06 -5.83
N LEU A 37 -7.01 -10.85 -5.89
CA LEU A 37 -7.81 -9.64 -5.75
C LEU A 37 -8.21 -9.15 -7.13
N ASN A 38 -9.42 -8.62 -7.24
CA ASN A 38 -9.88 -8.06 -8.50
C ASN A 38 -10.43 -6.66 -8.29
N ILE A 39 -10.26 -5.81 -9.29
CA ILE A 39 -10.79 -4.47 -9.22
C ILE A 39 -11.35 -4.06 -10.59
N SER A 40 -12.55 -3.47 -10.58
CA SER A 40 -13.20 -3.02 -11.80
C SER A 40 -12.66 -1.66 -12.22
N PRO A 41 -12.81 -1.31 -13.51
CA PRO A 41 -12.41 0.02 -13.97
C PRO A 41 -13.12 1.13 -13.20
N ASP A 42 -14.43 0.96 -13.02
CA ASP A 42 -15.26 1.90 -12.28
C ASP A 42 -14.70 2.17 -10.89
N GLU A 43 -14.23 1.12 -10.23
CA GLU A 43 -13.61 1.24 -8.91
C GLU A 43 -12.34 2.08 -8.95
N ILE A 44 -11.56 1.91 -10.01
CA ILE A 44 -10.32 2.67 -10.17
C ILE A 44 -10.64 4.15 -10.34
N VAL A 45 -11.62 4.42 -11.19
CA VAL A 45 -12.08 5.79 -11.40
C VAL A 45 -12.55 6.41 -10.08
N SER A 46 -13.39 5.69 -9.35
CA SER A 46 -13.96 6.22 -8.12
C SER A 46 -12.89 6.48 -7.07
N ILE A 47 -11.93 5.56 -6.99
CA ILE A 47 -10.78 5.72 -6.09
C ILE A 47 -10.04 7.00 -6.42
N ARG A 48 -9.76 7.20 -7.71
CA ARG A 48 -9.03 8.39 -8.13
C ARG A 48 -9.84 9.65 -7.83
N GLU A 49 -11.15 9.54 -7.93
CA GLU A 49 -12.04 10.68 -7.79
C GLU A 49 -12.23 11.10 -6.33
N GLN A 50 -12.21 10.14 -5.41
CA GLN A 50 -12.41 10.47 -4.00
C GLN A 50 -11.24 11.26 -3.43
N PHE A 51 -10.10 11.24 -4.13
CA PHE A 51 -8.95 12.06 -3.74
C PHE A 51 -8.91 13.38 -4.50
N ASN A 52 -9.88 13.58 -5.39
CA ASN A 52 -9.94 14.76 -6.26
C ASN A 52 -8.65 14.92 -7.07
N MSE A 53 -8.27 13.87 -7.78
CA MSE A 53 -7.04 13.87 -8.57
C MSE A 53 -7.26 13.58 -10.04
O MSE A 53 -8.16 12.80 -10.41
CB MSE A 53 -6.05 12.86 -8.01
CG MSE A 53 -5.49 13.22 -6.67
SE MSE A 53 -4.16 11.89 -6.15
CE MSE A 53 -3.48 12.77 -4.54
N SER A 54 -6.43 14.19 -10.88
CA SER A 54 -6.40 13.87 -12.30
C SER A 54 -5.74 12.52 -12.51
N ARG A 55 -5.96 11.94 -13.68
CA ARG A 55 -5.29 10.70 -14.07
C ARG A 55 -3.77 10.82 -13.96
N GLY A 56 -3.23 11.95 -14.40
CA GLY A 56 -1.79 12.15 -14.41
C GLY A 56 -1.12 12.09 -13.05
N VAL A 57 -1.62 12.88 -12.10
CA VAL A 57 -1.07 12.93 -10.76
C VAL A 57 -1.17 11.58 -10.08
N PHE A 58 -2.38 11.04 -10.06
CA PHE A 58 -2.66 9.74 -9.46
C PHE A 58 -1.77 8.66 -10.05
N ALA A 59 -1.59 8.69 -11.37
CA ALA A 59 -0.76 7.70 -12.06
C ALA A 59 0.69 7.87 -11.66
N ARG A 60 1.11 9.11 -11.44
CA ARG A 60 2.46 9.36 -10.96
C ARG A 60 2.65 8.73 -9.59
N LEU A 61 1.64 8.88 -8.73
CA LEU A 61 1.69 8.31 -7.39
C LEU A 61 1.81 6.79 -7.41
N LEU A 62 1.20 6.16 -8.42
CA LEU A 62 1.24 4.71 -8.53
C LEU A 62 2.44 4.26 -9.35
N HIS A 63 3.29 5.22 -9.69
CA HIS A 63 4.52 4.99 -10.46
C HIS A 63 4.23 4.22 -11.75
N THR A 64 3.26 4.73 -12.51
CA THR A 64 2.92 4.22 -13.83
C THR A 64 2.50 5.38 -14.73
N SER A 65 2.44 5.14 -16.03
CA SER A 65 2.06 6.18 -16.98
C SER A 65 0.56 6.47 -16.98
N SER A 66 0.20 7.69 -17.34
CA SER A 66 -1.20 8.10 -17.43
C SER A 66 -1.94 7.25 -18.44
N ARG A 67 -1.25 6.92 -19.52
CA ARG A 67 -1.80 6.08 -20.58
C ARG A 67 -2.22 4.72 -20.00
N THR A 68 -1.34 4.15 -19.18
CA THR A 68 -1.60 2.85 -18.57
C THR A 68 -2.82 2.91 -17.65
N LEU A 69 -2.84 3.89 -16.76
CA LEU A 69 -3.95 4.08 -15.83
C LEU A 69 -5.26 4.23 -16.58
N GLU A 70 -5.24 5.05 -17.64
CA GLU A 70 -6.41 5.25 -18.49
C GLU A 70 -6.85 3.93 -19.13
N ASN A 71 -5.87 3.10 -19.49
CA ASN A 71 -6.17 1.78 -20.06
C ASN A 71 -6.84 0.86 -19.04
N TRP A 72 -6.42 0.95 -17.78
CA TRP A 72 -7.10 0.24 -16.72
C TRP A 72 -8.52 0.75 -16.54
N GLU A 73 -8.66 2.07 -16.57
CA GLU A 73 -9.94 2.72 -16.31
C GLU A 73 -10.97 2.47 -17.41
N GLN A 74 -10.51 2.28 -18.64
CA GLN A 74 -11.43 1.96 -19.73
C GLN A 74 -11.54 0.46 -19.98
N GLY A 75 -10.70 -0.32 -19.32
CA GLY A 75 -10.75 -1.78 -19.42
C GLY A 75 -9.96 -2.36 -20.57
N ARG A 76 -9.15 -1.54 -21.24
CA ARG A 76 -8.32 -2.02 -22.33
C ARG A 76 -7.12 -2.82 -21.82
N SER A 77 -6.93 -2.79 -20.51
CA SER A 77 -5.85 -3.50 -19.87
C SER A 77 -6.22 -3.84 -18.43
N VAL A 78 -5.63 -4.90 -17.89
CA VAL A 78 -5.83 -5.24 -16.49
C VAL A 78 -4.56 -5.02 -15.69
N PRO A 79 -4.64 -4.19 -14.65
CA PRO A 79 -3.48 -3.94 -13.79
C PRO A 79 -2.96 -5.22 -13.13
N ASN A 80 -1.67 -5.26 -12.87
CA ASN A 80 -1.05 -6.44 -12.28
C ASN A 80 -1.41 -6.58 -10.80
N GLY A 81 -0.87 -7.62 -10.17
CA GLY A 81 -1.22 -7.97 -8.81
C GLY A 81 -0.85 -6.93 -7.77
N GLN A 82 0.38 -6.44 -7.84
CA GLN A 82 0.84 -5.41 -6.92
C GLN A 82 0.07 -4.10 -7.15
N ALA A 83 -0.23 -3.81 -8.41
CA ALA A 83 -1.04 -2.65 -8.75
C ALA A 83 -2.39 -2.71 -8.04
N VAL A 84 -3.11 -3.81 -8.25
CA VAL A 84 -4.40 -3.99 -7.62
C VAL A 84 -4.28 -3.91 -6.11
N THR A 85 -3.20 -4.46 -5.57
CA THR A 85 -2.96 -4.40 -4.14
C THR A 85 -2.88 -2.96 -3.64
N LEU A 86 -2.05 -2.13 -4.30
CA LEU A 86 -1.95 -0.72 -3.94
C LEU A 86 -3.28 0.00 -4.05
N LEU A 87 -4.01 -0.27 -5.14
CA LEU A 87 -5.29 0.37 -5.37
C LEU A 87 -6.30 0.06 -4.27
N LYS A 88 -6.41 -1.22 -3.94
CA LYS A 88 -7.30 -1.67 -2.87
C LYS A 88 -6.86 -1.06 -1.54
N LEU A 89 -5.55 -1.01 -1.36
CA LEU A 89 -4.93 -0.44 -0.16
C LEU A 89 -5.33 1.02 0.06
N VAL A 90 -5.23 1.84 -0.99
CA VAL A 90 -5.59 3.25 -0.87
C VAL A 90 -7.11 3.42 -0.86
N GLN A 91 -7.83 2.44 -1.38
CA GLN A 91 -9.28 2.47 -1.29
C GLN A 91 -9.71 2.37 0.17
N ARG A 92 -9.23 1.33 0.85
CA ARG A 92 -9.59 1.11 2.26
C ARG A 92 -8.92 2.11 3.19
N HIS A 93 -7.62 2.30 3.00
CA HIS A 93 -6.83 3.16 3.88
C HIS A 93 -6.23 4.33 3.11
N PRO A 94 -6.98 5.45 3.01
CA PRO A 94 -6.58 6.66 2.28
C PRO A 94 -5.29 7.27 2.80
N GLU A 95 -4.91 6.90 4.04
CA GLU A 95 -3.69 7.40 4.65
C GLU A 95 -2.46 6.96 3.86
N THR A 96 -2.55 5.82 3.18
CA THR A 96 -1.38 5.21 2.57
C THR A 96 -0.90 5.97 1.33
N LEU A 97 -1.78 6.74 0.70
CA LEU A 97 -1.40 7.48 -0.50
C LEU A 97 -0.40 8.58 -0.16
N SER A 98 -0.56 9.16 1.03
CA SER A 98 0.40 10.13 1.53
C SER A 98 1.75 9.46 1.79
N HIS A 99 1.71 8.26 2.37
CA HIS A 99 2.91 7.47 2.62
C HIS A 99 3.66 7.24 1.31
N ILE A 100 2.93 6.76 0.31
CA ILE A 100 3.47 6.55 -1.03
C ILE A 100 4.09 7.83 -1.59
N ALA A 101 3.39 8.96 -1.41
CA ALA A 101 3.86 10.24 -1.92
C ALA A 101 5.22 10.65 -1.37
N GLU A 102 5.40 10.51 -0.06
CA GLU A 102 6.62 10.95 0.61
C GLU A 102 7.68 9.86 0.65
N LEU A 103 7.38 8.75 0.00
CA LEU A 103 8.25 7.57 0.02
C LEU A 103 9.66 7.88 -0.49
N ARG B 3 -12.73 45.78 -4.88
CA ARG B 3 -11.62 44.94 -5.31
C ARG B 3 -11.65 44.71 -6.82
N ASP B 4 -10.81 45.45 -7.54
CA ASP B 4 -10.77 45.37 -9.00
C ASP B 4 -9.72 44.37 -9.48
N LEU B 5 -10.03 43.66 -10.56
CA LEU B 5 -9.18 42.59 -11.06
C LEU B 5 -7.96 43.08 -11.82
N PHE B 6 -8.15 44.10 -12.65
CA PHE B 6 -7.08 44.61 -13.51
C PHE B 6 -5.94 45.22 -12.70
N ALA B 7 -6.30 45.91 -11.63
CA ALA B 7 -5.32 46.50 -10.73
C ALA B 7 -4.42 45.43 -10.12
N GLU B 8 -5.06 44.36 -9.67
CA GLU B 8 -4.35 43.25 -9.03
C GLU B 8 -3.48 42.52 -10.04
N LEU B 9 -3.99 42.30 -11.25
CA LEU B 9 -3.21 41.65 -12.28
C LEU B 9 -1.97 42.46 -12.64
N SER B 10 -2.17 43.77 -12.81
CA SER B 10 -1.07 44.67 -13.14
C SER B 10 -0.01 44.69 -12.04
N SER B 11 -0.47 44.88 -10.80
CA SER B 11 0.43 44.88 -9.65
C SER B 11 1.22 43.58 -9.56
N ALA B 12 0.52 42.46 -9.68
CA ALA B 12 1.15 41.15 -9.61
C ALA B 12 2.17 40.97 -10.72
N LEU B 13 1.87 41.51 -11.89
CA LEU B 13 2.73 41.33 -13.06
C LEU B 13 3.98 42.20 -13.00
N VAL B 14 3.87 43.41 -12.46
CA VAL B 14 5.07 44.25 -12.33
C VAL B 14 5.92 43.70 -11.18
N GLU B 15 5.27 43.18 -10.14
CA GLU B 15 5.97 42.46 -9.09
C GLU B 15 6.75 41.28 -9.67
N ALA B 16 6.11 40.54 -10.56
CA ALA B 16 6.72 39.38 -11.19
C ALA B 16 7.91 39.78 -12.04
N LYS B 17 7.75 40.86 -12.80
CA LYS B 17 8.83 41.39 -13.64
C LYS B 17 10.03 41.72 -12.77
N GLN B 18 9.79 42.45 -11.70
CA GLN B 18 10.87 42.84 -10.79
C GLN B 18 11.51 41.63 -10.09
N HIS B 19 10.72 40.60 -9.81
CA HIS B 19 11.26 39.39 -9.20
C HIS B 19 12.17 38.65 -10.16
N SER B 20 11.77 38.60 -11.42
CA SER B 20 12.62 38.01 -12.47
C SER B 20 13.91 38.81 -12.60
N GLU B 21 13.79 40.13 -12.54
CA GLU B 21 14.95 41.03 -12.55
C GLU B 21 15.83 40.78 -11.33
N GLY B 22 15.20 40.46 -10.20
CA GLY B 22 15.92 40.20 -8.97
C GLY B 22 15.93 41.39 -8.02
N LYS B 23 15.07 42.36 -8.28
CA LYS B 23 15.00 43.57 -7.46
C LYS B 23 13.96 43.44 -6.36
N LEU B 24 13.34 42.27 -6.25
CA LEU B 24 12.24 42.07 -5.31
C LEU B 24 12.16 40.64 -4.80
N THR B 25 11.78 40.50 -3.54
CA THR B 25 11.57 39.18 -2.94
C THR B 25 10.08 38.87 -2.86
N LEU B 26 9.70 37.67 -3.28
CA LEU B 26 8.33 37.20 -3.14
C LEU B 26 8.30 35.86 -2.42
N LYS B 27 7.14 35.48 -1.91
CA LYS B 27 6.99 34.18 -1.27
C LYS B 27 6.96 33.10 -2.36
N THR B 28 7.82 32.11 -2.22
CA THR B 28 8.00 31.12 -3.29
C THR B 28 8.18 29.69 -2.76
N HIS B 29 7.59 28.73 -3.46
CA HIS B 29 7.71 27.32 -3.06
C HIS B 29 8.47 26.47 -4.06
N HIS B 30 9.56 25.86 -3.60
CA HIS B 30 10.30 24.88 -4.38
C HIS B 30 9.66 23.51 -4.22
N VAL B 31 9.21 22.93 -5.32
CA VAL B 31 8.55 21.63 -5.28
C VAL B 31 9.18 20.65 -6.28
N ASN B 32 9.46 19.44 -5.82
CA ASN B 32 10.05 18.41 -6.67
C ASN B 32 9.18 17.16 -6.73
N ASP B 33 9.42 16.33 -7.74
CA ASP B 33 8.56 15.18 -8.03
C ASP B 33 8.84 13.99 -7.12
N VAL B 34 8.10 12.91 -7.32
CA VAL B 34 8.29 11.67 -6.58
C VAL B 34 9.49 10.90 -7.12
N GLY B 35 9.85 11.20 -8.37
CA GLY B 35 10.94 10.52 -9.04
C GLY B 35 10.68 9.04 -9.22
N GLU B 36 11.76 8.26 -9.21
CA GLU B 36 11.68 6.81 -9.37
C GLU B 36 12.21 6.11 -8.13
N LEU B 37 11.70 4.91 -7.88
CA LEU B 37 12.12 4.12 -6.73
C LEU B 37 12.93 2.91 -7.16
N ASN B 38 13.83 2.46 -6.31
CA ASN B 38 14.58 1.23 -6.58
C ASN B 38 14.97 0.54 -5.29
N ILE B 39 15.04 -0.79 -5.32
CA ILE B 39 15.31 -1.55 -4.11
C ILE B 39 16.26 -2.73 -4.42
N SER B 40 17.23 -2.93 -3.53
CA SER B 40 18.16 -4.04 -3.70
C SER B 40 17.51 -5.34 -3.24
N PRO B 41 17.96 -6.46 -3.83
CA PRO B 41 17.50 -7.79 -3.44
C PRO B 41 17.73 -8.09 -1.96
N ASP B 42 18.86 -7.64 -1.43
CA ASP B 42 19.19 -7.88 -0.02
C ASP B 42 18.27 -7.10 0.92
N GLU B 43 17.82 -5.92 0.48
CA GLU B 43 16.85 -5.17 1.24
C GLU B 43 15.52 -5.93 1.22
N ILE B 44 15.19 -6.54 0.09
CA ILE B 44 13.99 -7.34 -0.02
C ILE B 44 14.03 -8.52 0.95
N VAL B 45 15.11 -9.30 0.90
CA VAL B 45 15.21 -10.45 1.78
C VAL B 45 15.25 -10.00 3.24
N SER B 46 15.80 -8.81 3.49
CA SER B 46 15.82 -8.30 4.86
C SER B 46 14.41 -7.95 5.33
N ILE B 47 13.60 -7.40 4.43
CA ILE B 47 12.19 -7.11 4.73
C ILE B 47 11.43 -8.39 5.05
N ARG B 48 11.67 -9.43 4.27
CA ARG B 48 11.00 -10.69 4.51
C ARG B 48 11.47 -11.35 5.82
N GLU B 49 12.76 -11.21 6.11
CA GLU B 49 13.37 -11.80 7.30
C GLU B 49 12.97 -11.07 8.59
N GLN B 50 12.60 -9.79 8.46
CA GLN B 50 12.23 -9.01 9.65
C GLN B 50 10.82 -9.34 10.11
N PHE B 51 10.00 -9.88 9.21
CA PHE B 51 8.66 -10.34 9.57
C PHE B 51 8.66 -11.83 9.86
N ASN B 52 9.82 -12.45 9.74
CA ASN B 52 10.03 -13.88 10.03
C ASN B 52 9.05 -14.78 9.27
N MSE B 53 8.88 -14.52 7.98
CA MSE B 53 7.96 -15.32 7.17
C MSE B 53 8.61 -15.91 5.92
O MSE B 53 9.61 -15.39 5.41
CB MSE B 53 6.73 -14.49 6.78
CG MSE B 53 7.04 -13.10 6.25
SE MSE B 53 5.43 -12.14 5.71
CE MSE B 53 4.58 -11.94 7.45
N SER B 54 8.05 -17.02 5.46
CA SER B 54 8.52 -17.75 4.30
C SER B 54 8.26 -17.00 3.00
N ARG B 55 8.98 -17.38 1.95
CA ARG B 55 8.75 -16.80 0.63
C ARG B 55 7.32 -16.98 0.18
N GLY B 56 6.72 -18.11 0.54
CA GLY B 56 5.35 -18.40 0.15
C GLY B 56 4.36 -17.38 0.68
N VAL B 57 4.36 -17.20 2.00
CA VAL B 57 3.45 -16.27 2.65
C VAL B 57 3.67 -14.84 2.18
N PHE B 58 4.93 -14.44 2.15
CA PHE B 58 5.29 -13.10 1.74
C PHE B 58 4.79 -12.84 0.33
N ALA B 59 5.10 -13.76 -0.58
CA ALA B 59 4.65 -13.65 -1.96
C ALA B 59 3.13 -13.63 -2.06
N ARG B 60 2.46 -14.34 -1.16
CA ARG B 60 1.00 -14.31 -1.14
C ARG B 60 0.52 -12.91 -0.84
N LEU B 61 1.10 -12.28 0.18
CA LEU B 61 0.75 -10.92 0.55
C LEU B 61 1.06 -9.90 -0.56
N LEU B 62 2.10 -10.19 -1.34
CA LEU B 62 2.50 -9.32 -2.44
C LEU B 62 1.77 -9.72 -3.71
N HIS B 63 0.86 -10.67 -3.59
CA HIS B 63 0.04 -11.13 -4.70
C HIS B 63 0.91 -11.61 -5.87
N THR B 64 1.91 -12.42 -5.54
CA THR B 64 2.82 -12.96 -6.55
C THR B 64 3.25 -14.38 -6.20
N SER B 65 3.86 -15.07 -7.15
CA SER B 65 4.36 -16.42 -6.93
C SER B 65 5.66 -16.41 -6.15
N SER B 66 5.89 -17.46 -5.38
CA SER B 66 7.13 -17.61 -4.63
C SER B 66 8.36 -17.55 -5.53
N ARG B 67 8.25 -18.16 -6.71
CA ARG B 67 9.35 -18.21 -7.67
C ARG B 67 9.73 -16.82 -8.17
N THR B 68 8.72 -15.97 -8.35
CA THR B 68 8.96 -14.60 -8.78
C THR B 68 9.72 -13.84 -7.70
N LEU B 69 9.24 -13.94 -6.48
CA LEU B 69 9.91 -13.38 -5.32
C LEU B 69 11.35 -13.86 -5.19
N GLU B 70 11.58 -15.14 -5.48
CA GLU B 70 12.91 -15.70 -5.46
C GLU B 70 13.76 -15.04 -6.52
N ASN B 71 13.19 -14.88 -7.71
CA ASN B 71 13.88 -14.23 -8.82
C ASN B 71 14.28 -12.81 -8.46
N TRP B 72 13.45 -12.14 -7.66
CA TRP B 72 13.78 -10.81 -7.17
C TRP B 72 14.93 -10.87 -6.17
N GLU B 73 14.79 -11.72 -5.16
CA GLU B 73 15.74 -11.81 -4.06
C GLU B 73 17.12 -12.30 -4.50
N GLN B 74 17.16 -13.20 -5.47
CA GLN B 74 18.42 -13.74 -5.95
C GLN B 74 19.03 -12.84 -7.02
N GLY B 75 18.33 -11.76 -7.34
CA GLY B 75 18.82 -10.79 -8.31
C GLY B 75 18.61 -11.18 -9.76
N ARG B 76 17.90 -12.28 -9.97
CA ARG B 76 17.64 -12.77 -11.32
C ARG B 76 16.57 -11.98 -12.05
N SER B 77 15.87 -11.11 -11.32
CA SER B 77 14.78 -10.33 -11.91
C SER B 77 14.54 -9.00 -11.19
N VAL B 78 13.98 -8.04 -11.91
CA VAL B 78 13.63 -6.74 -11.34
C VAL B 78 12.11 -6.57 -11.26
N PRO B 79 11.59 -6.31 -10.05
CA PRO B 79 10.15 -6.14 -9.86
C PRO B 79 9.61 -4.90 -10.56
N ASN B 80 8.32 -4.92 -10.92
CA ASN B 80 7.71 -3.80 -11.60
C ASN B 80 7.52 -2.61 -10.67
N GLY B 81 6.95 -1.54 -11.20
CA GLY B 81 6.80 -0.30 -10.47
C GLY B 81 5.99 -0.43 -9.20
N GLN B 82 4.79 -0.98 -9.34
CA GLN B 82 3.88 -1.11 -8.21
C GLN B 82 4.46 -2.08 -7.19
N ALA B 83 5.24 -3.04 -7.69
CA ALA B 83 5.92 -3.99 -6.83
C ALA B 83 6.92 -3.27 -5.92
N VAL B 84 7.81 -2.49 -6.52
CA VAL B 84 8.80 -1.74 -5.75
C VAL B 84 8.14 -0.77 -4.80
N THR B 85 7.07 -0.12 -5.28
CA THR B 85 6.30 0.80 -4.44
C THR B 85 5.79 0.09 -3.20
N LEU B 86 5.15 -1.05 -3.42
CA LEU B 86 4.56 -1.83 -2.35
C LEU B 86 5.63 -2.29 -1.36
N LEU B 87 6.75 -2.75 -1.89
CA LEU B 87 7.86 -3.20 -1.07
C LEU B 87 8.40 -2.10 -0.18
N LYS B 88 8.67 -0.94 -0.78
CA LYS B 88 9.12 0.23 -0.03
C LYS B 88 8.12 0.62 1.05
N LEU B 89 6.85 0.58 0.69
CA LEU B 89 5.77 0.90 1.61
C LEU B 89 5.80 -0.01 2.83
N VAL B 90 5.90 -1.32 2.60
CA VAL B 90 5.98 -2.27 3.70
C VAL B 90 7.24 -2.02 4.52
N GLN B 91 8.33 -1.68 3.85
CA GLN B 91 9.60 -1.44 4.52
C GLN B 91 9.50 -0.29 5.52
N ARG B 92 9.13 0.90 5.05
CA ARG B 92 9.06 2.08 5.92
C ARG B 92 7.90 2.03 6.92
N HIS B 93 6.80 1.41 6.51
CA HIS B 93 5.62 1.33 7.35
C HIS B 93 5.15 -0.12 7.49
N PRO B 94 5.77 -0.88 8.40
CA PRO B 94 5.52 -2.32 8.59
C PRO B 94 4.05 -2.68 8.80
N GLU B 95 3.30 -1.82 9.48
CA GLU B 95 1.88 -2.05 9.76
C GLU B 95 1.09 -2.27 8.47
N THR B 96 1.58 -1.71 7.37
CA THR B 96 0.98 -1.88 6.05
C THR B 96 0.80 -3.34 5.72
N LEU B 97 1.80 -4.15 6.07
CA LEU B 97 1.77 -5.57 5.78
C LEU B 97 0.56 -6.25 6.42
N SER B 98 0.13 -5.74 7.56
CA SER B 98 -1.08 -6.26 8.20
C SER B 98 -2.32 -5.79 7.46
N HIS B 99 -2.33 -4.52 7.07
CA HIS B 99 -3.44 -3.94 6.31
C HIS B 99 -3.70 -4.75 5.06
N ILE B 100 -2.62 -5.12 4.39
CA ILE B 100 -2.69 -5.92 3.16
C ILE B 100 -3.24 -7.31 3.47
N ALA B 101 -2.89 -7.83 4.64
CA ALA B 101 -3.36 -9.16 5.04
C ALA B 101 -4.88 -9.18 5.20
N GLU B 102 -5.40 -8.14 5.83
CA GLU B 102 -6.82 -8.08 6.19
C GLU B 102 -7.66 -7.51 5.06
N LEU B 103 -7.01 -7.27 3.93
CA LEU B 103 -7.67 -6.72 2.75
C LEU B 103 -8.71 -7.69 2.19
N HIS C 1 13.76 13.31 -11.39
CA HIS C 1 12.95 14.32 -10.71
C HIS C 1 12.80 15.57 -11.57
N MSE C 2 11.55 15.95 -11.83
CA MSE C 2 11.28 17.22 -12.49
C MSE C 2 10.80 18.23 -11.44
O MSE C 2 9.71 18.10 -10.88
CB MSE C 2 10.23 17.06 -13.61
CG MSE C 2 8.98 16.28 -13.23
SE MSE C 2 7.50 16.52 -14.48
CE MSE C 2 8.29 15.72 -16.08
N LYS C 3 11.63 19.23 -11.18
CA LYS C 3 11.34 20.19 -10.11
C LYS C 3 10.61 21.41 -10.66
N SER C 4 9.67 21.93 -9.87
CA SER C 4 8.92 23.12 -10.26
C SER C 4 8.85 24.12 -9.10
N VAL C 5 8.80 25.39 -9.46
CA VAL C 5 8.87 26.45 -8.46
C VAL C 5 7.69 27.42 -8.60
N PHE C 6 7.03 27.72 -7.49
CA PHE C 6 5.83 28.55 -7.50
C PHE C 6 5.99 29.87 -6.75
N VAL C 7 6.00 30.97 -7.50
CA VAL C 7 6.22 32.29 -6.95
C VAL C 7 4.90 33.02 -6.72
N GLU C 8 4.57 33.28 -5.45
CA GLU C 8 3.33 33.95 -5.11
C GLU C 8 3.48 35.47 -5.08
N SER C 9 2.61 36.16 -5.82
CA SER C 9 2.52 37.60 -5.70
C SER C 9 1.92 37.93 -4.33
N THR C 10 2.15 39.15 -3.86
CA THR C 10 1.68 39.57 -2.55
C THR C 10 0.15 39.44 -2.42
N ILE C 11 -0.55 39.72 -3.51
CA ILE C 11 -2.00 39.55 -3.57
C ILE C 11 -2.38 38.09 -3.35
N PHE C 12 -1.83 37.21 -4.18
CA PHE C 12 -2.06 35.78 -4.06
C PHE C 12 -1.63 35.30 -2.69
N GLU C 13 -0.55 35.88 -2.18
CA GLU C 13 0.00 35.49 -0.89
C GLU C 13 -0.99 35.76 0.24
N LYS C 14 -1.51 36.97 0.30
CA LYS C 14 -2.41 37.36 1.38
C LYS C 14 -3.79 36.73 1.24
N TYR C 15 -4.23 36.47 0.01
CA TYR C 15 -5.58 35.95 -0.20
C TYR C 15 -5.68 34.43 -0.32
N ARG C 16 -4.55 33.73 -0.23
CA ARG C 16 -4.54 32.29 -0.46
C ARG C 16 -5.26 31.51 0.65
N ASP C 17 -4.96 31.87 1.90
CA ASP C 17 -5.51 31.15 3.04
C ASP C 17 -7.03 31.24 3.11
N GLU C 18 -7.56 32.40 2.71
CA GLU C 18 -9.00 32.65 2.78
C GLU C 18 -9.79 31.78 1.83
N TYR C 19 -9.13 31.26 0.79
CA TYR C 19 -9.81 30.47 -0.23
C TYR C 19 -9.38 29.01 -0.21
N LEU C 20 -8.10 28.77 -0.48
CA LEU C 20 -7.58 27.42 -0.62
C LEU C 20 -6.80 26.96 0.61
N SER C 21 -7.13 25.75 1.09
CA SER C 21 -6.40 25.14 2.18
C SER C 21 -5.04 24.63 1.71
N ASP C 22 -4.13 24.42 2.66
CA ASP C 22 -2.78 23.97 2.36
C ASP C 22 -2.75 22.68 1.54
N GLU C 23 -3.67 21.77 1.86
CA GLU C 23 -3.76 20.49 1.15
C GLU C 23 -4.20 20.69 -0.29
N GLU C 24 -5.32 21.39 -0.46
CA GLU C 24 -5.86 21.70 -1.78
C GLU C 24 -4.83 22.43 -2.63
N TYR C 25 -4.04 23.26 -1.98
CA TYR C 25 -3.03 24.07 -2.65
C TYR C 25 -1.82 23.23 -3.05
N ARG C 26 -1.47 22.27 -2.20
CA ARG C 26 -0.38 21.34 -2.48
C ARG C 26 -0.75 20.48 -3.69
N LEU C 27 -2.00 20.01 -3.67
CA LEU C 27 -2.58 19.27 -4.79
C LEU C 27 -2.54 20.12 -6.05
N PHE C 28 -2.87 21.40 -5.90
CA PHE C 28 -2.84 22.34 -7.02
C PHE C 28 -1.43 22.47 -7.61
N GLN C 29 -0.45 22.55 -6.74
CA GLN C 29 0.94 22.64 -7.16
C GLN C 29 1.35 21.38 -7.91
N ALA C 30 0.89 20.22 -7.45
CA ALA C 30 1.19 18.97 -8.14
C ALA C 30 0.54 18.91 -9.53
N GLU C 31 -0.76 19.20 -9.56
CA GLU C 31 -1.54 19.17 -10.79
C GLU C 31 -0.95 20.10 -11.84
N LEU C 32 -0.59 21.30 -11.42
CA LEU C 32 -0.03 22.29 -12.32
C LEU C 32 1.40 21.91 -12.70
N MSE C 33 2.07 21.19 -11.81
CA MSE C 33 3.42 20.72 -12.07
C MSE C 33 3.44 19.71 -13.21
O MSE C 33 4.27 19.81 -14.12
CB MSE C 33 4.04 20.10 -10.81
CG MSE C 33 5.49 19.69 -10.97
SE MSE C 33 6.31 19.18 -9.27
CE MSE C 33 5.25 17.57 -8.90
N LEU C 34 2.53 18.75 -13.18
CA LEU C 34 2.51 17.72 -14.20
C LEU C 34 2.03 18.25 -15.54
N ASN C 35 1.08 19.19 -15.52
CA ASN C 35 0.64 19.86 -16.73
C ASN C 35 0.74 21.37 -16.61
N PRO C 36 1.88 21.94 -17.06
CA PRO C 36 2.10 23.38 -16.99
C PRO C 36 1.08 24.17 -17.80
N LYS C 37 0.62 23.58 -18.89
CA LYS C 37 -0.30 24.24 -19.82
C LYS C 37 -1.76 24.02 -19.42
N LEU C 38 -1.97 23.42 -18.26
CA LEU C 38 -3.29 23.10 -17.74
C LEU C 38 -4.29 24.25 -17.83
N GLY C 39 -3.88 25.42 -17.34
CA GLY C 39 -4.71 26.61 -17.47
C GLY C 39 -4.76 27.06 -18.92
N ASP C 40 -5.95 27.44 -19.37
CA ASP C 40 -6.12 27.89 -20.75
C ASP C 40 -5.83 29.37 -20.86
N VAL C 41 -5.17 29.76 -21.96
CA VAL C 41 -4.77 31.15 -22.17
C VAL C 41 -5.97 32.09 -22.31
N ILE C 42 -5.87 33.25 -21.67
CA ILE C 42 -6.88 34.27 -21.83
C ILE C 42 -6.69 34.94 -23.18
N GLN C 43 -7.75 35.00 -23.97
CA GLN C 43 -7.67 35.53 -25.32
C GLN C 43 -7.20 36.98 -25.32
N GLY C 44 -6.13 37.25 -26.05
CA GLY C 44 -5.62 38.60 -26.18
C GLY C 44 -4.67 39.04 -25.10
N THR C 45 -4.37 38.16 -24.15
CA THR C 45 -3.42 38.51 -23.09
C THR C 45 -2.02 38.00 -23.40
N GLY C 46 -1.87 37.26 -24.48
CA GLY C 46 -0.57 36.77 -24.92
C GLY C 46 0.16 35.90 -23.93
N GLY C 47 -0.47 34.83 -23.48
CA GLY C 47 0.18 33.86 -22.61
C GLY C 47 -0.24 33.84 -21.16
N LEU C 48 -1.18 34.70 -20.78
CA LEU C 48 -1.72 34.68 -19.43
C LEU C 48 -2.67 33.49 -19.29
N ARG C 49 -2.49 32.69 -18.25
CA ARG C 49 -3.31 31.48 -18.09
C ARG C 49 -4.22 31.54 -16.87
N LYS C 50 -5.31 30.79 -16.94
CA LYS C 50 -6.32 30.80 -15.91
C LYS C 50 -6.89 29.39 -15.69
N ILE C 51 -7.07 29.00 -14.43
CA ILE C 51 -7.53 27.65 -14.13
C ILE C 51 -8.62 27.66 -13.05
N ARG C 52 -9.56 26.73 -13.14
CA ARG C 52 -10.65 26.62 -12.17
C ARG C 52 -10.55 25.35 -11.34
N VAL C 53 -10.26 25.50 -10.06
CA VAL C 53 -10.08 24.34 -9.17
C VAL C 53 -10.95 24.43 -7.93
N ALA C 54 -11.89 23.49 -7.80
CA ALA C 54 -12.72 23.39 -6.59
C ALA C 54 -12.20 22.30 -5.68
N SER C 64 -13.37 29.28 -3.40
CA SER C 64 -12.20 28.54 -3.83
C SER C 64 -12.38 27.95 -5.23
N ARG C 65 -12.25 28.79 -6.25
CA ARG C 65 -12.50 28.34 -7.61
C ARG C 65 -11.40 28.72 -8.61
N ILE C 66 -11.24 30.00 -8.89
CA ILE C 66 -10.47 30.45 -10.05
C ILE C 66 -9.12 31.12 -9.73
N ILE C 67 -8.12 30.84 -10.56
CA ILE C 67 -6.76 31.31 -10.32
C ILE C 67 -6.07 31.78 -11.62
N TYR C 68 -5.51 32.97 -11.57
CA TYR C 68 -4.73 33.50 -12.69
C TYR C 68 -3.23 33.30 -12.44
N TYR C 69 -2.56 32.68 -13.41
CA TYR C 69 -1.14 32.41 -13.29
C TYR C 69 -0.45 32.58 -14.64
N PHE C 70 0.87 32.65 -14.61
CA PHE C 70 1.65 32.84 -15.82
C PHE C 70 2.85 31.89 -15.81
N LEU C 71 3.11 31.28 -16.96
CA LEU C 71 4.16 30.27 -17.07
C LEU C 71 5.46 30.83 -17.63
N ASP C 72 6.52 30.74 -16.84
CA ASP C 72 7.82 31.21 -17.25
C ASP C 72 8.68 30.05 -17.73
N GLU C 73 9.89 30.35 -18.20
CA GLU C 73 10.84 29.33 -18.60
C GLU C 73 11.44 28.64 -17.38
N LYS C 74 11.99 27.45 -17.59
CA LYS C 74 12.61 26.66 -16.53
C LYS C 74 11.62 26.22 -15.46
N ARG C 75 10.41 25.85 -15.89
CA ARG C 75 9.38 25.29 -15.01
C ARG C 75 9.02 26.21 -13.85
N ARG C 76 9.04 27.51 -14.11
CA ARG C 76 8.70 28.51 -13.08
C ARG C 76 7.29 29.06 -13.28
N PHE C 77 6.49 29.03 -12.22
CA PHE C 77 5.11 29.49 -12.29
C PHE C 77 4.88 30.71 -11.42
N TYR C 78 4.36 31.79 -12.01
CA TYR C 78 4.00 32.95 -11.22
C TYR C 78 2.51 32.95 -10.93
N LEU C 79 2.16 32.82 -9.65
CA LEU C 79 0.77 32.83 -9.24
C LEU C 79 0.37 34.26 -8.94
N LEU C 80 -0.55 34.80 -9.74
CA LEU C 80 -0.87 36.22 -9.71
C LEU C 80 -1.94 36.56 -8.68
N THR C 81 -3.15 36.02 -8.87
CA THR C 81 -4.24 36.27 -7.95
C THR C 81 -5.22 35.11 -7.89
N ILE C 82 -6.07 35.11 -6.86
CA ILE C 82 -7.01 34.02 -6.64
C ILE C 82 -8.32 34.55 -6.07
N TYR C 83 -9.45 34.01 -6.53
CA TYR C 83 -10.77 34.41 -6.04
C TYR C 83 -11.84 33.36 -6.36
N GLY C 84 -13.09 33.69 -6.08
CA GLY C 84 -14.20 32.77 -6.29
C GLY C 84 -14.77 32.79 -7.71
N LYS C 85 -15.76 31.95 -7.95
CA LYS C 85 -16.35 31.81 -9.29
C LYS C 85 -16.77 33.15 -9.90
N ASN C 86 -17.80 33.76 -9.33
CA ASN C 86 -18.17 35.11 -9.72
C ASN C 86 -17.81 36.10 -8.63
N GLU C 87 -16.76 36.89 -8.88
CA GLU C 87 -16.33 37.91 -7.93
C GLU C 87 -16.11 39.24 -8.62
N MSE C 88 -15.11 39.30 -9.49
CA MSE C 88 -14.75 40.53 -10.18
C MSE C 88 -14.99 40.43 -11.68
O MSE C 88 -15.01 39.33 -12.24
CB MSE C 88 -13.28 40.89 -9.92
CG MSE C 88 -12.64 40.10 -8.79
SE MSE C 88 -10.77 40.60 -8.53
CE MSE C 88 -10.23 39.14 -7.37
N SER C 89 -15.21 41.58 -12.31
CA SER C 89 -15.54 41.62 -13.73
C SER C 89 -14.37 41.22 -14.61
N ASP C 90 -14.68 40.62 -15.75
CA ASP C 90 -13.66 40.14 -16.68
C ASP C 90 -12.96 41.30 -17.37
N LEU C 91 -11.73 41.06 -17.81
CA LEU C 91 -10.92 42.10 -18.43
C LEU C 91 -11.42 42.45 -19.82
N ASN C 92 -11.73 43.73 -20.04
CA ASN C 92 -12.12 44.22 -21.36
C ASN C 92 -10.92 44.35 -22.30
N ALA C 93 -11.20 44.42 -23.58
CA ALA C 93 -10.18 44.36 -24.63
C ALA C 93 -9.02 45.35 -24.45
N ASN C 94 -9.31 46.52 -23.89
CA ASN C 94 -8.25 47.50 -23.59
C ASN C 94 -7.23 46.91 -22.63
N GLN C 95 -7.75 46.41 -21.52
CA GLN C 95 -6.93 45.78 -20.49
C GLN C 95 -6.15 44.60 -21.07
N ARG C 96 -6.79 43.85 -21.95
CA ARG C 96 -6.15 42.71 -22.61
C ARG C 96 -4.96 43.16 -23.46
N LYS C 97 -5.18 44.22 -24.25
CA LYS C 97 -4.12 44.80 -25.08
C LYS C 97 -2.95 45.24 -24.21
N GLN C 98 -3.25 45.90 -23.10
CA GLN C 98 -2.21 46.33 -22.16
C GLN C 98 -1.41 45.15 -21.63
N LEU C 99 -2.13 44.14 -21.15
CA LEU C 99 -1.50 42.94 -20.58
C LEU C 99 -0.58 42.26 -21.59
N MSE C 100 -1.08 42.06 -22.81
CA MSE C 100 -0.27 41.44 -23.86
C MSE C 100 0.96 42.28 -24.19
O MSE C 100 2.07 41.74 -24.29
CB MSE C 100 -1.11 41.24 -25.12
CG MSE C 100 -0.27 40.82 -26.33
SE MSE C 100 -1.36 40.58 -27.93
CE MSE C 100 -2.18 38.87 -27.48
N ALA C 101 0.76 43.58 -24.34
CA ALA C 101 1.86 44.51 -24.62
C ALA C 101 2.95 44.39 -23.55
N PHE C 102 2.52 44.26 -22.30
CA PHE C 102 3.45 44.05 -21.21
C PHE C 102 4.17 42.71 -21.34
N MSE C 103 3.41 41.68 -21.72
CA MSE C 103 3.93 40.33 -21.86
C MSE C 103 4.98 40.22 -22.96
O MSE C 103 5.83 39.33 -22.93
CB MSE C 103 2.79 39.36 -22.14
CG MSE C 103 1.90 39.09 -20.94
SE MSE C 103 2.79 37.91 -19.66
CE MSE C 103 2.89 36.33 -20.80
N GLU C 104 4.91 41.12 -23.93
CA GLU C 104 5.87 41.10 -25.03
C GLU C 104 7.27 41.50 -24.57
N ALA C 105 7.36 42.16 -23.42
CA ALA C 105 8.65 42.44 -22.80
C ALA C 105 9.27 41.15 -22.31
N TRP C 106 8.42 40.26 -21.78
CA TRP C 106 8.85 38.95 -21.33
C TRP C 106 9.24 38.05 -22.50
N ARG C 107 8.38 38.03 -23.53
CA ARG C 107 8.65 37.23 -24.71
C ARG C 107 9.94 37.70 -25.39
N ASN C 108 10.18 39.01 -25.36
CA ASN C 108 11.39 39.58 -25.95
C ASN C 108 12.63 39.33 -25.10
N GLU C 109 12.47 39.37 -23.79
CA GLU C 109 13.59 39.17 -22.87
C GLU C 109 14.03 37.71 -22.83
N GLN C 110 13.08 36.80 -22.97
CA GLN C 110 13.37 35.37 -22.91
C GLN C 110 13.94 34.84 -24.23
N SER C 111 13.74 35.59 -25.30
CA SER C 111 14.20 35.19 -26.62
C SER C 111 15.72 35.10 -26.69
N LYS D 3 -10.52 -23.11 1.35
CA LYS D 3 -10.70 -22.77 2.75
C LYS D 3 -10.24 -23.90 3.68
N SER D 4 -9.60 -23.55 4.79
CA SER D 4 -9.15 -24.54 5.76
C SER D 4 -9.51 -24.15 7.19
N VAL D 5 -9.42 -25.11 8.10
CA VAL D 5 -9.91 -24.95 9.48
C VAL D 5 -8.86 -25.34 10.53
N PHE D 6 -8.74 -24.55 11.58
CA PHE D 6 -7.83 -24.89 12.67
C PHE D 6 -8.58 -25.17 13.96
N VAL D 7 -8.58 -26.43 14.38
CA VAL D 7 -9.26 -26.82 15.60
C VAL D 7 -8.25 -27.02 16.73
N GLU D 8 -8.52 -26.40 17.88
CA GLU D 8 -7.60 -26.51 19.01
C GLU D 8 -8.11 -27.45 20.07
N SER D 9 -7.19 -28.24 20.63
CA SER D 9 -7.46 -29.04 21.81
C SER D 9 -7.41 -28.14 23.03
N THR D 10 -8.10 -28.53 24.10
CA THR D 10 -8.14 -27.72 25.31
C THR D 10 -6.73 -27.47 25.84
N ILE D 11 -5.87 -28.47 25.71
CA ILE D 11 -4.48 -28.37 26.11
C ILE D 11 -3.77 -27.26 25.33
N PHE D 12 -3.86 -27.35 24.01
CA PHE D 12 -3.28 -26.36 23.12
C PHE D 12 -3.85 -24.98 23.43
N GLU D 13 -5.16 -24.90 23.61
CA GLU D 13 -5.82 -23.63 23.92
C GLU D 13 -5.25 -23.02 25.19
N LYS D 14 -5.03 -23.86 26.19
CA LYS D 14 -4.50 -23.41 27.47
C LYS D 14 -3.08 -22.87 27.34
N TYR D 15 -2.21 -23.63 26.67
CA TYR D 15 -0.79 -23.27 26.64
C TYR D 15 -0.36 -22.41 25.44
N ARG D 16 -1.30 -22.03 24.59
CA ARG D 16 -0.95 -21.32 23.37
C ARG D 16 -0.37 -19.92 23.62
N ASP D 17 -1.00 -19.18 24.55
CA ASP D 17 -0.64 -17.78 24.79
C ASP D 17 0.79 -17.62 25.32
N GLU D 18 1.30 -18.65 25.97
CA GLU D 18 2.58 -18.57 26.65
C GLU D 18 3.74 -18.91 25.73
N TYR D 19 3.41 -19.31 24.52
CA TYR D 19 4.40 -19.72 23.53
C TYR D 19 4.27 -18.89 22.26
N LEU D 20 3.08 -18.92 21.66
CA LEU D 20 2.77 -18.10 20.50
C LEU D 20 1.96 -16.87 20.86
N SER D 21 2.46 -15.69 20.50
CA SER D 21 1.65 -14.50 20.51
C SER D 21 0.69 -14.55 19.33
N ASP D 22 -0.39 -13.76 19.41
CA ASP D 22 -1.44 -13.78 18.39
C ASP D 22 -0.93 -13.51 16.99
N GLU D 23 0.09 -12.66 16.89
CA GLU D 23 0.68 -12.32 15.60
C GLU D 23 1.45 -13.51 15.02
N GLU D 24 2.37 -14.06 15.79
CA GLU D 24 3.16 -15.20 15.32
C GLU D 24 2.29 -16.45 15.22
N TYR D 25 1.15 -16.45 15.92
CA TYR D 25 0.20 -17.54 15.79
C TYR D 25 -0.55 -17.45 14.46
N ARG D 26 -1.01 -16.25 14.13
CA ARG D 26 -1.68 -16.02 12.85
C ARG D 26 -0.73 -16.37 11.71
N LEU D 27 0.50 -15.91 11.83
CA LEU D 27 1.55 -16.24 10.88
C LEU D 27 1.74 -17.75 10.77
N PHE D 28 1.79 -18.43 11.92
CA PHE D 28 1.93 -19.88 11.94
C PHE D 28 0.81 -20.56 11.15
N GLN D 29 -0.41 -20.09 11.35
CA GLN D 29 -1.56 -20.61 10.62
C GLN D 29 -1.42 -20.39 9.12
N ALA D 30 -0.92 -19.21 8.74
CA ALA D 30 -0.74 -18.92 7.32
C ALA D 30 0.28 -19.88 6.70
N GLU D 31 1.43 -19.98 7.33
CA GLU D 31 2.48 -20.90 6.93
C GLU D 31 1.94 -22.30 6.76
N LEU D 32 1.24 -22.78 7.78
CA LEU D 32 0.69 -24.13 7.80
C LEU D 32 -0.37 -24.31 6.72
N MSE D 33 -1.03 -23.21 6.36
CA MSE D 33 -2.07 -23.24 5.34
C MSE D 33 -1.47 -23.39 3.95
O MSE D 33 -2.02 -24.10 3.10
CB MSE D 33 -2.92 -21.96 5.41
CG MSE D 33 -4.00 -21.91 4.36
SE MSE D 33 -5.39 -20.64 4.80
CE MSE D 33 -6.63 -21.05 3.35
N LEU D 34 -0.36 -22.72 3.70
CA LEU D 34 0.32 -22.88 2.42
C LEU D 34 0.91 -24.27 2.29
N ASN D 35 1.55 -24.75 3.36
CA ASN D 35 2.09 -26.10 3.38
C ASN D 35 1.61 -26.91 4.58
N PRO D 36 0.50 -27.64 4.42
CA PRO D 36 -0.11 -28.45 5.49
C PRO D 36 0.80 -29.53 6.04
N LYS D 37 1.67 -30.07 5.18
CA LYS D 37 2.56 -31.16 5.56
C LYS D 37 3.89 -30.65 6.11
N LEU D 38 3.98 -29.34 6.32
CA LEU D 38 5.22 -28.69 6.76
C LEU D 38 5.91 -29.40 7.93
N GLY D 39 5.13 -29.79 8.94
CA GLY D 39 5.66 -30.65 9.98
C GLY D 39 5.77 -32.07 9.45
N ASP D 40 6.91 -32.71 9.72
CA ASP D 40 7.12 -34.06 9.22
C ASP D 40 6.48 -35.08 10.18
N VAL D 41 5.98 -36.19 9.62
CA VAL D 41 5.39 -37.24 10.44
C VAL D 41 6.39 -37.87 11.40
N ILE D 42 5.94 -38.16 12.61
CA ILE D 42 6.73 -38.92 13.55
C ILE D 42 6.49 -40.40 13.28
N GLN D 43 7.55 -41.12 12.93
CA GLN D 43 7.39 -42.51 12.48
C GLN D 43 6.81 -43.39 13.58
N GLY D 44 5.75 -44.12 13.23
CA GLY D 44 5.14 -45.05 14.16
C GLY D 44 4.02 -44.45 14.99
N THR D 45 3.68 -43.19 14.72
CA THR D 45 2.58 -42.54 15.44
C THR D 45 1.27 -42.60 14.66
N GLY D 46 1.32 -43.11 13.44
CA GLY D 46 0.14 -43.22 12.61
C GLY D 46 -0.39 -41.90 12.08
N GLY D 47 0.51 -41.01 11.68
CA GLY D 47 0.10 -39.75 11.07
C GLY D 47 0.27 -38.48 11.90
N LEU D 48 0.84 -38.61 13.10
CA LEU D 48 1.09 -37.44 13.93
C LEU D 48 2.25 -36.61 13.41
N ARG D 49 2.03 -35.31 13.25
CA ARG D 49 3.06 -34.41 12.73
C ARG D 49 3.59 -33.46 13.79
N LYS D 50 4.85 -33.07 13.63
CA LYS D 50 5.52 -32.18 14.56
C LYS D 50 6.25 -31.08 13.81
N ILE D 51 5.95 -29.83 14.14
CA ILE D 51 6.57 -28.70 13.46
C ILE D 51 7.28 -27.79 14.46
N ARG D 52 8.47 -27.33 14.09
CA ARG D 52 9.22 -26.38 14.91
C ARG D 52 9.04 -24.96 14.38
N VAL D 53 8.83 -24.02 15.31
CA VAL D 53 8.58 -22.62 14.99
C VAL D 53 9.62 -21.71 15.64
N ALA D 54 10.23 -20.83 14.86
CA ALA D 54 11.31 -20.00 15.40
C ALA D 54 10.91 -18.53 15.52
N SER D 55 11.83 -17.72 16.03
CA SER D 55 11.57 -16.31 16.30
C SER D 55 12.78 -15.44 15.94
N GLY D 62 15.83 -15.91 20.60
CA GLY D 62 15.23 -16.69 21.66
C GLY D 62 15.05 -18.15 21.30
N GLY D 63 14.43 -18.91 22.20
CA GLY D 63 14.19 -20.32 21.97
C GLY D 63 13.07 -20.58 20.99
N SER D 64 13.12 -21.74 20.34
CA SER D 64 12.07 -22.13 19.40
C SER D 64 10.91 -22.79 20.14
N ARG D 65 9.89 -23.18 19.38
CA ARG D 65 8.69 -23.80 19.96
C ARG D 65 8.29 -25.02 19.14
N ILE D 66 7.61 -25.96 19.78
CA ILE D 66 7.23 -27.17 19.07
C ILE D 66 5.72 -27.40 19.10
N ILE D 67 5.13 -27.55 17.93
CA ILE D 67 3.70 -27.80 17.82
C ILE D 67 3.43 -29.20 17.27
N TYR D 68 2.63 -29.97 18.00
CA TYR D 68 2.19 -31.26 17.54
C TYR D 68 0.79 -31.14 16.99
N TYR D 69 0.62 -31.53 15.73
CA TYR D 69 -0.69 -31.47 15.10
C TYR D 69 -0.96 -32.72 14.28
N PHE D 70 -2.22 -32.86 13.87
CA PHE D 70 -2.63 -33.97 13.03
C PHE D 70 -3.46 -33.42 11.89
N LEU D 71 -3.03 -33.72 10.66
CA LEU D 71 -3.72 -33.22 9.48
C LEU D 71 -4.82 -34.18 9.05
N ASP D 72 -6.06 -33.70 9.10
CA ASP D 72 -7.21 -34.53 8.81
C ASP D 72 -7.65 -34.38 7.35
N GLU D 73 -8.66 -35.14 6.96
CA GLU D 73 -9.27 -35.00 5.65
C GLU D 73 -10.06 -33.70 5.62
N LYS D 74 -10.35 -33.22 4.41
CA LYS D 74 -11.05 -31.96 4.21
C LYS D 74 -10.28 -30.78 4.79
N ARG D 75 -8.96 -30.90 4.81
CA ARG D 75 -8.06 -29.80 5.13
C ARG D 75 -8.25 -29.16 6.51
N ARG D 76 -8.57 -29.96 7.53
CA ARG D 76 -8.70 -29.40 8.87
C ARG D 76 -7.56 -29.87 9.78
N PHE D 77 -6.88 -28.89 10.36
CA PHE D 77 -5.73 -29.13 11.23
C PHE D 77 -6.16 -29.30 12.68
N TYR D 78 -5.86 -30.46 13.25
CA TYR D 78 -6.10 -30.65 14.67
C TYR D 78 -4.83 -30.32 15.43
N LEU D 79 -4.87 -29.22 16.18
CA LEU D 79 -3.70 -28.76 16.92
C LEU D 79 -3.75 -29.34 18.33
N LEU D 80 -2.82 -30.25 18.62
CA LEU D 80 -2.87 -31.04 19.84
C LEU D 80 -2.26 -30.34 21.04
N THR D 81 -0.95 -30.11 20.99
CA THR D 81 -0.26 -29.45 22.09
C THR D 81 0.92 -28.61 21.57
N ILE D 82 1.41 -27.71 22.41
CA ILE D 82 2.53 -26.83 22.04
C ILE D 82 3.44 -26.57 23.24
N TYR D 83 4.76 -26.64 23.01
CA TYR D 83 5.73 -26.34 24.05
C TYR D 83 7.10 -25.95 23.47
N GLY D 84 8.07 -25.73 24.35
CA GLY D 84 9.33 -25.10 23.95
C GLY D 84 10.37 -25.97 23.27
N LYS D 85 11.33 -25.31 22.63
CA LYS D 85 12.43 -26.01 21.95
C LYS D 85 13.30 -26.76 22.95
N ASN D 86 13.11 -26.49 24.23
CA ASN D 86 13.73 -27.34 25.21
C ASN D 86 12.71 -28.43 25.42
N GLU D 87 13.02 -29.58 24.85
CA GLU D 87 11.98 -30.49 24.43
C GLU D 87 11.59 -31.44 25.52
N MSE D 88 10.30 -31.76 25.56
CA MSE D 88 9.79 -32.76 26.48
C MSE D 88 10.29 -34.12 26.04
O MSE D 88 11.00 -34.25 25.04
CB MSE D 88 8.27 -32.75 26.53
CG MSE D 88 7.68 -31.56 27.23
SE MSE D 88 5.72 -31.66 27.30
CE MSE D 88 5.43 -30.17 28.51
N SER D 89 9.91 -35.14 26.80
CA SER D 89 10.39 -36.48 26.54
C SER D 89 9.99 -36.92 25.12
N ASP D 90 10.98 -37.32 24.35
CA ASP D 90 10.72 -37.99 23.07
C ASP D 90 10.05 -39.30 23.40
N LEU D 91 8.91 -39.55 22.76
CA LEU D 91 8.01 -40.62 23.16
C LEU D 91 8.65 -42.02 23.15
N ASN D 92 8.38 -42.79 24.21
CA ASN D 92 8.82 -44.18 24.26
C ASN D 92 8.15 -44.95 23.13
N ALA D 93 8.81 -45.98 22.63
CA ALA D 93 8.28 -46.75 21.50
C ALA D 93 6.89 -47.30 21.80
N ASN D 94 6.67 -47.72 23.06
CA ASN D 94 5.37 -48.22 23.50
C ASN D 94 4.29 -47.16 23.30
N GLN D 95 4.61 -45.93 23.67
CA GLN D 95 3.67 -44.82 23.57
C GLN D 95 3.31 -44.53 22.11
N ARG D 96 4.32 -44.53 21.24
CA ARG D 96 4.09 -44.40 19.80
C ARG D 96 3.18 -45.50 19.28
N LYS D 97 3.43 -46.73 19.74
CA LYS D 97 2.60 -47.88 19.37
C LYS D 97 1.14 -47.69 19.77
N GLN D 98 0.92 -47.25 21.01
CA GLN D 98 -0.43 -47.00 21.51
C GLN D 98 -1.12 -45.90 20.71
N LEU D 99 -0.35 -44.87 20.36
CA LEU D 99 -0.88 -43.77 19.57
C LEU D 99 -1.34 -44.26 18.21
N MSE D 100 -0.47 -45.00 17.52
CA MSE D 100 -0.82 -45.54 16.20
C MSE D 100 -2.01 -46.49 16.29
O MSE D 100 -2.81 -46.56 15.36
CB MSE D 100 0.39 -46.24 15.57
CG MSE D 100 0.16 -46.69 14.13
SE MSE D 100 1.78 -47.32 13.24
CE MSE D 100 2.33 -48.67 14.54
N ALA D 101 -2.11 -47.21 17.40
CA ALA D 101 -3.27 -48.06 17.64
C ALA D 101 -4.55 -47.24 17.67
N PHE D 102 -4.52 -46.13 18.41
CA PHE D 102 -5.70 -45.25 18.50
C PHE D 102 -6.02 -44.64 17.13
N MSE D 103 -4.98 -44.27 16.40
CA MSE D 103 -5.13 -43.63 15.09
C MSE D 103 -5.75 -44.59 14.06
O MSE D 103 -6.63 -44.20 13.31
CB MSE D 103 -3.78 -43.13 14.57
CG MSE D 103 -3.30 -41.84 15.24
SE MSE D 103 -4.48 -40.32 14.88
CE MSE D 103 -4.63 -40.53 12.95
N GLU D 104 -5.28 -45.83 14.05
CA GLU D 104 -5.82 -46.84 13.14
C GLU D 104 -7.23 -47.24 13.54
N ALA D 105 -7.47 -47.36 14.84
CA ALA D 105 -8.81 -47.67 15.36
C ALA D 105 -9.79 -46.56 15.02
N TRP D 106 -9.27 -45.34 14.87
CA TRP D 106 -10.09 -44.21 14.41
C TRP D 106 -10.33 -44.31 12.91
N ARG D 107 -9.26 -44.61 12.17
CA ARG D 107 -9.30 -44.59 10.71
C ARG D 107 -10.21 -45.69 10.12
N ASN D 108 -10.18 -46.88 10.71
CA ASN D 108 -10.92 -48.00 10.17
C ASN D 108 -12.44 -47.77 10.19
N GLU D 109 -12.93 -47.11 11.23
CA GLU D 109 -14.35 -46.79 11.33
C GLU D 109 -14.73 -45.76 10.26
N GLN D 110 -13.79 -44.89 9.93
CA GLN D 110 -13.97 -43.86 8.91
C GLN D 110 -15.18 -42.96 9.19
#